data_8RJZ
#
_entry.id   8RJZ
#
_cell.length_a   67.883
_cell.length_b   88.574
_cell.length_c   102.166
_cell.angle_alpha   90.00
_cell.angle_beta   90.00
_cell.angle_gamma   90.00
#
_symmetry.space_group_name_H-M   'P 21 21 21'
#
loop_
_entity.id
_entity.type
_entity.pdbx_description
1 polymer '3C-like proteinase nsp5'
2 non-polymer (7~{S})-6-[2-[2,4-bis(chloranyl)phenoxy]ethanoyl]-14-fluoranyl-10-(iminomethyl)-9-methyl-7-(phenylmethyl)-2-oxa-6,9,10-triazabicyclo[10.4.0]hexadeca-1(12),13,15-trien-8-one
3 non-polymer 2-[3-(2-HYDROXY-1,1-DIHYDROXYMETHYL-ETHYLAMINO)-PROPYLAMINO]-2-HYDROXYMETHYL-PROPANE-1,3-DIOL
4 non-polymer 'CHLORIDE ION'
5 water water
#
_entity_poly.entity_id   1
_entity_poly.type   'polypeptide(L)'
_entity_poly.pdbx_seq_one_letter_code
;SGFRKMAFPSGKVEGCMVQVTCGTTTLNGLWLDDVVYCPRHVICTSEDMLNPNYEDLLIRKSNHNFLVQAGNVQLRVIGH
SMQNCVLKLKVDTANPKTPKYKFVRIQPGQTFSVLACYNGSPSGVYQCAMRPNFTIKGSFLNGSCGSVGFNIDYDCVSFC
YMHHMELPTGVHAGTDLEGNFYGPFVDRQTAQAAGTDTTITVNVLAWLYAAVINGDRWFLNRFTTTLNDFNLVAMKYNYE
PLTQDHVDILGPLSAQTGIAVLDMCASLKELLQNGMNGRTILGSALLEDEFTPFDVVRQCSGVTFQ
;
_entity_poly.pdbx_strand_id   A,B
#
# COMPACT_ATOMS: atom_id res chain seq x y z
N SER A 1 14.23 1.29 9.85
CA SER A 1 13.18 0.68 10.72
C SER A 1 11.79 1.11 10.28
N GLY A 2 10.78 0.66 11.01
CA GLY A 2 9.40 0.93 10.71
C GLY A 2 8.70 -0.29 10.15
N PHE A 3 7.38 -0.21 10.10
CA PHE A 3 6.59 -1.33 9.61
C PHE A 3 5.33 -0.79 8.96
N ARG A 4 5.04 -1.26 7.75
CA ARG A 4 3.93 -0.76 6.95
C ARG A 4 3.33 -1.91 6.15
N LYS A 5 2.04 -1.79 5.82
CA LYS A 5 1.43 -2.76 4.91
C LYS A 5 1.89 -2.35 3.52
N MET A 6 2.94 -2.99 3.01
CA MET A 6 3.58 -2.50 1.81
C MET A 6 3.35 -3.46 0.67
N ALA A 7 3.02 -2.88 -0.47
CA ALA A 7 2.86 -3.65 -1.70
C ALA A 7 4.17 -3.68 -2.48
N PHE A 8 4.29 -4.68 -3.32
CA PHE A 8 5.36 -4.71 -4.30
C PHE A 8 5.20 -3.55 -5.26
N PRO A 9 6.30 -3.02 -5.77
CA PRO A 9 6.20 -1.96 -6.79
C PRO A 9 5.47 -2.50 -8.01
N SER A 10 4.56 -1.70 -8.55
CA SER A 10 3.59 -2.17 -9.51
C SER A 10 3.97 -1.93 -10.95
N GLY A 11 5.14 -1.37 -11.22
CA GLY A 11 5.44 -0.92 -12.57
C GLY A 11 5.44 -2.04 -13.59
N LYS A 12 5.97 -3.21 -13.23
CA LYS A 12 6.03 -4.32 -14.18
C LYS A 12 4.65 -4.80 -14.60
N VAL A 13 3.66 -4.67 -13.72
CA VAL A 13 2.28 -5.03 -14.06
C VAL A 13 1.59 -3.89 -14.79
N GLU A 14 1.91 -2.64 -14.45
CA GLU A 14 1.25 -1.52 -15.12
C GLU A 14 1.41 -1.61 -16.63
N GLY A 15 2.59 -2.01 -17.10
CA GLY A 15 2.86 -2.17 -18.51
C GLY A 15 2.14 -3.31 -19.19
N CYS A 16 1.36 -4.09 -18.44
CA CYS A 16 0.59 -5.17 -19.01
C CYS A 16 -0.91 -4.92 -19.02
N MET A 17 -1.37 -3.83 -18.42
CA MET A 17 -2.80 -3.63 -18.28
C MET A 17 -3.35 -2.96 -19.54
N VAL A 18 -4.44 -3.50 -20.06
CA VAL A 18 -5.14 -2.92 -21.20
C VAL A 18 -6.63 -2.91 -20.90
N GLN A 19 -7.36 -2.18 -21.70
CA GLN A 19 -8.81 -2.12 -21.63
C GLN A 19 -9.42 -3.09 -22.62
N VAL A 20 -10.43 -3.83 -22.15
CA VAL A 20 -11.18 -4.76 -22.98
C VAL A 20 -12.66 -4.40 -22.94
N THR A 21 -13.26 -4.25 -24.12
CA THR A 21 -14.69 -4.06 -24.25
C THR A 21 -15.29 -5.19 -25.04
N CYS A 22 -16.42 -5.73 -24.56
CA CYS A 22 -17.26 -6.62 -25.35
C CYS A 22 -18.72 -6.32 -25.04
N GLY A 23 -19.50 -6.09 -26.08
CA GLY A 23 -20.89 -5.69 -25.94
C GLY A 23 -20.98 -4.44 -25.09
N THR A 24 -21.70 -4.56 -23.98
CA THR A 24 -21.98 -3.47 -23.06
C THR A 24 -21.02 -3.42 -21.88
N THR A 25 -19.93 -4.16 -21.91
CA THR A 25 -19.03 -4.25 -20.77
C THR A 25 -17.64 -3.79 -21.15
N THR A 26 -17.05 -2.94 -20.29
CA THR A 26 -15.65 -2.58 -20.35
C THR A 26 -15.01 -2.95 -19.03
N LEU A 27 -13.84 -3.56 -19.12
CA LEU A 27 -13.09 -3.91 -17.92
C LEU A 27 -11.63 -4.03 -18.33
N ASN A 28 -10.83 -4.70 -17.51
CA ASN A 28 -9.39 -4.78 -17.70
C ASN A 28 -8.98 -6.12 -18.28
N GLY A 29 -7.93 -6.09 -19.07
CA GLY A 29 -7.23 -7.29 -19.48
C GLY A 29 -5.77 -7.27 -19.15
N LEU A 30 -5.16 -8.44 -19.02
CA LEU A 30 -3.73 -8.57 -18.75
C LEU A 30 -3.03 -9.01 -20.03
N TRP A 31 -2.23 -8.13 -20.59
CA TRP A 31 -1.55 -8.34 -21.88
C TRP A 31 -0.15 -8.86 -21.64
N LEU A 32 0.06 -10.14 -21.91
CA LEU A 32 1.34 -10.82 -21.77
C LEU A 32 1.67 -11.49 -23.10
N ASP A 33 2.86 -11.23 -23.61
CA ASP A 33 3.24 -11.81 -24.91
C ASP A 33 2.13 -11.43 -25.87
N ASP A 34 1.59 -12.35 -26.65
CA ASP A 34 0.56 -12.02 -27.62
C ASP A 34 -0.83 -12.50 -27.19
N VAL A 35 -1.10 -12.51 -25.88
CA VAL A 35 -2.40 -12.88 -25.36
C VAL A 35 -2.87 -11.86 -24.33
N VAL A 36 -4.16 -11.57 -24.34
CA VAL A 36 -4.83 -10.74 -23.35
C VAL A 36 -5.79 -11.62 -22.57
N TYR A 37 -5.56 -11.72 -21.27
CA TYR A 37 -6.39 -12.45 -20.34
C TYR A 37 -7.42 -11.53 -19.69
N CYS A 38 -8.67 -11.97 -19.61
CA CYS A 38 -9.70 -11.21 -18.92
C CYS A 38 -10.80 -12.13 -18.44
N PRO A 39 -11.66 -11.64 -17.54
CA PRO A 39 -12.80 -12.43 -17.06
C PRO A 39 -13.72 -12.80 -18.22
N ARG A 40 -14.14 -14.06 -18.25
CA ARG A 40 -15.06 -14.44 -19.33
C ARG A 40 -16.41 -13.76 -19.20
N HIS A 41 -16.76 -13.25 -18.03
CA HIS A 41 -18.10 -12.67 -17.93
C HIS A 41 -18.21 -11.36 -18.71
N VAL A 42 -17.10 -10.89 -19.30
CA VAL A 42 -17.15 -9.76 -20.23
C VAL A 42 -18.06 -10.05 -21.43
N ILE A 43 -18.27 -11.33 -21.76
CA ILE A 43 -19.11 -11.62 -22.93
C ILE A 43 -20.59 -11.63 -22.61
N CYS A 44 -20.97 -11.42 -21.34
CA CYS A 44 -22.35 -11.56 -20.89
C CYS A 44 -23.07 -10.22 -20.77
N THR A 45 -24.35 -10.22 -21.12
CA THR A 45 -25.21 -9.11 -20.70
C THR A 45 -25.65 -9.33 -19.26
N SER A 46 -26.18 -8.27 -18.63
CA SER A 46 -26.69 -8.44 -17.27
C SER A 46 -27.71 -9.57 -17.21
N GLU A 47 -28.51 -9.75 -18.26
CA GLU A 47 -29.50 -10.80 -18.26
C GLU A 47 -28.86 -12.17 -18.46
N ASP A 48 -27.82 -12.25 -19.28
CA ASP A 48 -27.08 -13.51 -19.41
C ASP A 48 -26.54 -14.01 -18.07
N MET A 49 -26.18 -13.10 -17.16
CA MET A 49 -25.51 -13.51 -15.93
C MET A 49 -26.43 -14.25 -14.97
N LEU A 50 -27.75 -14.26 -15.23
CA LEU A 50 -28.64 -15.06 -14.39
C LEU A 50 -28.45 -16.56 -14.63
N ASN A 51 -28.11 -16.94 -15.85
CA ASN A 51 -27.82 -18.34 -16.16
C ASN A 51 -27.01 -18.36 -17.45
N PRO A 52 -25.73 -18.06 -17.40
CA PRO A 52 -24.97 -17.90 -18.64
C PRO A 52 -24.50 -19.24 -19.18
N ASN A 53 -24.63 -19.42 -20.49
CA ASN A 53 -24.07 -20.57 -21.17
C ASN A 53 -22.84 -20.02 -21.90
N TYR A 54 -21.70 -20.05 -21.22
CA TYR A 54 -20.53 -19.37 -21.75
C TYR A 54 -20.09 -19.95 -23.08
N GLU A 55 -20.22 -21.27 -23.26
CA GLU A 55 -19.75 -21.86 -24.50
C GLU A 55 -20.62 -21.43 -25.68
N ASP A 56 -21.94 -21.40 -25.50
CA ASP A 56 -22.79 -20.87 -26.56
C ASP A 56 -22.47 -19.41 -26.83
N LEU A 57 -22.34 -18.60 -25.78
CA LEU A 57 -22.11 -17.17 -25.96
C LEU A 57 -20.80 -16.90 -26.68
N LEU A 58 -19.75 -17.68 -26.37
CA LEU A 58 -18.44 -17.43 -26.96
C LEU A 58 -18.43 -17.80 -28.44
N ILE A 59 -19.09 -18.90 -28.79
CA ILE A 59 -19.31 -19.27 -30.19
C ILE A 59 -19.81 -18.08 -30.97
N ARG A 60 -20.82 -17.39 -30.44
CA ARG A 60 -21.51 -16.33 -31.18
C ARG A 60 -20.69 -15.04 -31.28
N LYS A 61 -19.59 -14.93 -30.54
CA LYS A 61 -18.74 -13.76 -30.66
C LYS A 61 -17.69 -14.01 -31.73
N SER A 62 -17.33 -12.94 -32.43
CA SER A 62 -16.22 -12.91 -33.38
C SER A 62 -15.07 -12.11 -32.77
N ASN A 63 -13.90 -12.24 -33.38
CA ASN A 63 -12.77 -11.46 -32.91
C ASN A 63 -13.07 -9.97 -32.93
N HIS A 64 -13.86 -9.50 -33.89
CA HIS A 64 -14.12 -8.06 -33.96
C HIS A 64 -15.05 -7.58 -32.85
N ASN A 65 -15.73 -8.48 -32.13
CA ASN A 65 -16.56 -8.05 -31.01
C ASN A 65 -15.75 -7.69 -29.77
N PHE A 66 -14.45 -7.96 -29.79
CA PHE A 66 -13.56 -7.66 -28.69
C PHE A 66 -12.72 -6.45 -29.04
N LEU A 67 -13.00 -5.33 -28.38
CA LEU A 67 -12.27 -4.08 -28.55
C LEU A 67 -11.25 -3.97 -27.42
N VAL A 68 -9.98 -4.11 -27.77
CA VAL A 68 -8.85 -4.10 -26.84
C VAL A 68 -8.04 -2.83 -27.10
N GLN A 69 -7.91 -1.98 -26.10
CA GLN A 69 -7.17 -0.75 -26.26
C GLN A 69 -6.03 -0.68 -25.25
N ALA A 70 -4.84 -0.44 -25.76
CA ALA A 70 -3.61 -0.35 -24.98
C ALA A 70 -3.29 1.14 -24.97
N GLY A 71 -3.59 1.80 -23.86
CA GLY A 71 -3.57 3.24 -23.86
C GLY A 71 -4.46 3.75 -24.97
N ASN A 72 -3.85 4.38 -25.98
CA ASN A 72 -4.60 5.00 -27.07
C ASN A 72 -4.35 4.30 -28.40
N VAL A 73 -3.80 3.09 -28.37
CA VAL A 73 -3.64 2.24 -29.55
C VAL A 73 -4.56 1.03 -29.42
N GLN A 74 -5.23 0.66 -30.52
CA GLN A 74 -6.16 -0.45 -30.52
C GLN A 74 -5.42 -1.69 -31.00
N LEU A 75 -5.59 -2.81 -30.30
CA LEU A 75 -4.94 -4.06 -30.69
C LEU A 75 -5.91 -4.94 -31.48
N ARG A 76 -5.41 -5.54 -32.55
CA ARG A 76 -6.23 -6.42 -33.37
C ARG A 76 -6.30 -7.81 -32.74
N VAL A 77 -7.51 -8.27 -32.47
CA VAL A 77 -7.72 -9.61 -31.94
C VAL A 77 -7.82 -10.58 -33.10
N ILE A 78 -7.08 -11.69 -33.03
CA ILE A 78 -6.98 -12.64 -34.13
C ILE A 78 -7.43 -14.04 -33.72
N GLY A 79 -7.86 -14.23 -32.49
CA GLY A 79 -8.39 -15.49 -32.05
C GLY A 79 -8.82 -15.34 -30.61
N HIS A 80 -9.78 -16.13 -30.20
CA HIS A 80 -10.25 -16.08 -28.82
C HIS A 80 -10.58 -17.51 -28.42
N SER A 81 -10.32 -17.80 -27.15
CA SER A 81 -10.61 -19.10 -26.59
C SER A 81 -10.92 -18.89 -25.13
N MET A 82 -11.58 -19.87 -24.52
CA MET A 82 -11.95 -19.81 -23.12
C MET A 82 -11.10 -20.78 -22.33
N GLN A 83 -10.50 -20.31 -21.25
CA GLN A 83 -9.73 -21.20 -20.37
C GLN A 83 -10.36 -21.13 -18.99
N ASN A 84 -11.13 -22.15 -18.61
CA ASN A 84 -11.91 -22.11 -17.39
C ASN A 84 -12.70 -20.81 -17.37
N CYS A 85 -12.51 -19.98 -16.34
CA CYS A 85 -13.32 -18.78 -16.20
C CYS A 85 -12.62 -17.52 -16.71
N VAL A 86 -11.53 -17.66 -17.46
CA VAL A 86 -10.88 -16.53 -18.10
C VAL A 86 -10.92 -16.71 -19.61
N LEU A 87 -11.06 -15.59 -20.32
CA LEU A 87 -10.90 -15.55 -21.76
C LEU A 87 -9.44 -15.32 -22.10
N LYS A 88 -8.96 -16.00 -23.13
CA LYS A 88 -7.66 -15.71 -23.72
C LYS A 88 -7.92 -15.10 -25.08
N LEU A 89 -7.58 -13.83 -25.23
CA LEU A 89 -7.67 -13.15 -26.52
C LEU A 89 -6.28 -13.08 -27.16
N LYS A 90 -6.15 -13.72 -28.32
CA LYS A 90 -4.93 -13.68 -29.09
C LYS A 90 -4.89 -12.38 -29.90
N VAL A 91 -3.79 -11.64 -29.79
CA VAL A 91 -3.63 -10.39 -30.53
C VAL A 91 -2.45 -10.53 -31.48
N ASP A 92 -2.34 -9.59 -32.41
CA ASP A 92 -1.35 -9.69 -33.48
C ASP A 92 0.00 -9.12 -33.09
N THR A 93 0.13 -8.64 -31.85
CA THR A 93 1.32 -7.96 -31.36
C THR A 93 1.69 -8.52 -29.99
N ALA A 94 2.96 -8.84 -29.80
CA ALA A 94 3.44 -9.19 -28.48
C ALA A 94 3.64 -7.90 -27.69
N ASN A 95 3.32 -7.93 -26.40
CA ASN A 95 3.55 -6.75 -25.56
C ASN A 95 5.03 -6.50 -25.37
N PRO A 96 5.57 -5.35 -25.83
CA PRO A 96 7.02 -5.12 -25.64
C PRO A 96 7.42 -4.95 -24.18
N LYS A 97 6.47 -4.64 -23.30
CA LYS A 97 6.73 -4.50 -21.87
C LYS A 97 6.45 -5.77 -21.08
N THR A 98 6.26 -6.92 -21.76
CA THR A 98 6.06 -8.18 -21.05
C THR A 98 7.21 -8.39 -20.07
N PRO A 99 6.95 -8.54 -18.78
CA PRO A 99 8.04 -8.81 -17.84
C PRO A 99 8.29 -10.31 -17.74
N LYS A 100 9.36 -10.66 -17.03
CA LYS A 100 9.57 -12.05 -16.66
C LYS A 100 8.44 -12.45 -15.72
N TYR A 101 7.67 -13.45 -16.09
CA TYR A 101 6.55 -13.80 -15.22
C TYR A 101 6.24 -15.29 -15.24
N LYS A 102 5.41 -15.69 -14.28
CA LYS A 102 4.77 -16.98 -14.24
C LYS A 102 3.39 -16.82 -13.59
N PHE A 103 2.54 -17.81 -13.85
CA PHE A 103 1.24 -17.92 -13.20
C PHE A 103 1.36 -18.87 -12.01
N VAL A 104 0.85 -18.46 -10.85
CA VAL A 104 0.87 -19.35 -9.69
C VAL A 104 -0.48 -19.31 -8.98
N ARG A 105 -0.79 -20.41 -8.29
CA ARG A 105 -1.98 -20.52 -7.45
C ARG A 105 -1.54 -20.46 -5.99
N ILE A 106 -2.06 -19.50 -5.23
CA ILE A 106 -1.67 -19.30 -3.84
C ILE A 106 -2.64 -20.07 -2.94
N GLN A 107 -2.31 -20.11 -1.68
CA GLN A 107 -3.04 -20.76 -0.63
C GLN A 107 -3.63 -19.71 0.30
N PRO A 108 -4.80 -19.98 0.86
CA PRO A 108 -5.36 -19.05 1.85
C PRO A 108 -4.31 -18.77 2.92
N GLY A 109 -4.32 -17.53 3.41
CA GLY A 109 -3.30 -17.06 4.31
C GLY A 109 -2.15 -16.38 3.62
N GLN A 110 -1.98 -16.57 2.31
CA GLN A 110 -0.89 -15.95 1.59
C GLN A 110 -1.30 -14.54 1.18
N THR A 111 -0.31 -13.67 1.07
CA THR A 111 -0.61 -12.30 0.70
C THR A 111 -0.11 -12.02 -0.71
N PHE A 112 -0.64 -10.94 -1.27
CA PHE A 112 -0.22 -10.49 -2.58
C PHE A 112 -0.63 -9.04 -2.75
N SER A 113 0.02 -8.39 -3.71
CA SER A 113 -0.28 -7.02 -4.06
C SER A 113 -1.35 -7.01 -5.14
N VAL A 114 -2.24 -6.05 -5.06
CA VAL A 114 -3.33 -5.89 -6.00
C VAL A 114 -3.10 -4.55 -6.69
N LEU A 115 -3.04 -4.57 -8.02
CA LEU A 115 -3.02 -3.35 -8.83
C LEU A 115 -4.46 -3.14 -9.31
N ALA A 116 -5.19 -2.29 -8.61
CA ALA A 116 -6.58 -2.03 -8.94
C ALA A 116 -6.63 -1.06 -10.12
N CYS A 117 -7.41 -1.42 -11.14
CA CYS A 117 -7.45 -0.66 -12.37
C CYS A 117 -8.89 -0.30 -12.72
N TYR A 118 -9.02 0.72 -13.58
CA TYR A 118 -10.30 1.20 -14.09
C TYR A 118 -10.19 1.26 -15.62
N ASN A 119 -10.91 0.38 -16.31
CA ASN A 119 -10.95 0.36 -17.79
C ASN A 119 -9.56 0.48 -18.40
N GLY A 120 -8.63 -0.34 -17.89
CA GLY A 120 -7.29 -0.42 -18.41
C GLY A 120 -6.28 0.47 -17.76
N SER A 121 -6.72 1.43 -16.94
CA SER A 121 -5.85 2.42 -16.33
C SER A 121 -5.54 2.06 -14.89
N PRO A 122 -4.27 1.81 -14.56
CA PRO A 122 -3.93 1.56 -13.15
C PRO A 122 -4.39 2.70 -12.28
N SER A 123 -4.99 2.36 -11.16
CA SER A 123 -5.56 3.35 -10.25
C SER A 123 -4.91 3.33 -8.88
N GLY A 124 -4.55 2.15 -8.37
CA GLY A 124 -3.98 2.09 -7.02
C GLY A 124 -3.45 0.72 -6.71
N VAL A 125 -2.62 0.66 -5.68
CA VAL A 125 -1.98 -0.61 -5.33
C VAL A 125 -2.02 -0.78 -3.82
N TYR A 126 -2.35 -2.00 -3.41
CA TYR A 126 -2.46 -2.34 -2.01
C TYR A 126 -2.17 -3.83 -1.82
N GLN A 127 -1.89 -4.19 -0.59
CA GLN A 127 -1.57 -5.55 -0.17
C GLN A 127 -2.82 -6.22 0.43
N CYS A 128 -3.06 -7.47 0.00
CA CYS A 128 -4.20 -8.27 0.43
C CYS A 128 -3.71 -9.60 0.97
N ALA A 129 -4.55 -10.25 1.76
CA ALA A 129 -4.41 -11.68 2.05
C ALA A 129 -5.56 -12.42 1.40
N MET A 130 -5.29 -13.62 0.92
CA MET A 130 -6.34 -14.59 0.61
C MET A 130 -6.88 -15.08 1.93
N ARG A 131 -8.14 -14.76 2.24
CA ARG A 131 -8.71 -15.18 3.50
C ARG A 131 -8.87 -16.69 3.53
N PRO A 132 -9.00 -17.28 4.72
CA PRO A 132 -9.31 -18.73 4.79
C PRO A 132 -10.60 -19.13 4.10
N ASN A 133 -11.56 -18.21 3.92
CA ASN A 133 -12.76 -18.53 3.15
C ASN A 133 -12.61 -18.21 1.67
N PHE A 134 -11.38 -17.97 1.21
CA PHE A 134 -11.05 -17.76 -0.18
C PHE A 134 -11.62 -16.46 -0.74
N THR A 135 -11.99 -15.54 0.14
CA THR A 135 -12.29 -14.18 -0.29
C THR A 135 -11.07 -13.32 -0.05
N ILE A 136 -11.11 -12.12 -0.62
CA ILE A 136 -10.14 -11.08 -0.32
C ILE A 136 -10.93 -9.81 0.02
N LYS A 137 -10.40 -9.02 0.94
CA LYS A 137 -11.04 -7.75 1.33
C LYS A 137 -10.34 -6.67 0.50
N GLY A 138 -10.91 -6.40 -0.67
CA GLY A 138 -10.29 -5.52 -1.64
C GLY A 138 -10.91 -4.14 -1.63
N SER A 139 -10.50 -3.36 -2.62
CA SER A 139 -11.07 -2.04 -2.88
C SER A 139 -11.13 -1.91 -4.39
N PHE A 140 -12.34 -1.84 -4.93
CA PHE A 140 -12.58 -1.84 -6.36
C PHE A 140 -13.77 -0.93 -6.66
N LEU A 141 -13.79 -0.39 -7.87
CA LEU A 141 -14.94 0.39 -8.34
C LEU A 141 -15.40 -0.25 -9.64
N ASN A 142 -16.35 0.37 -10.36
CA ASN A 142 -16.76 -0.22 -11.63
C ASN A 142 -15.55 -0.27 -12.55
N GLY A 143 -15.61 -1.15 -13.55
CA GLY A 143 -14.49 -1.32 -14.43
C GLY A 143 -13.25 -1.91 -13.80
N SER A 144 -13.38 -2.51 -12.62
CA SER A 144 -12.23 -3.04 -11.92
C SER A 144 -12.02 -4.52 -12.17
N CYS A 145 -13.03 -5.23 -12.69
CA CYS A 145 -12.84 -6.65 -12.99
C CYS A 145 -11.66 -6.83 -13.95
N GLY A 146 -10.93 -7.93 -13.78
CA GLY A 146 -9.70 -8.16 -14.50
C GLY A 146 -8.45 -7.54 -13.90
N SER A 147 -8.58 -6.68 -12.89
CA SER A 147 -7.43 -6.29 -12.10
C SER A 147 -6.75 -7.53 -11.58
N VAL A 148 -5.43 -7.47 -11.38
CA VAL A 148 -4.71 -8.68 -10.98
C VAL A 148 -3.99 -8.48 -9.65
N GLY A 149 -3.72 -9.61 -9.01
CA GLY A 149 -2.90 -9.68 -7.83
C GLY A 149 -1.63 -10.44 -8.19
N PHE A 150 -0.56 -10.12 -7.48
CA PHE A 150 0.75 -10.60 -7.88
C PHE A 150 1.72 -10.48 -6.70
N ASN A 151 2.81 -11.22 -6.82
CA ASN A 151 4.00 -11.00 -6.01
C ASN A 151 5.17 -10.90 -6.98
N ILE A 152 6.28 -10.40 -6.47
CA ILE A 152 7.51 -10.26 -7.24
C ILE A 152 8.62 -10.98 -6.50
N ASP A 153 9.34 -11.82 -7.22
CA ASP A 153 10.47 -12.60 -6.68
C ASP A 153 11.72 -12.12 -7.41
N TYR A 154 12.39 -11.15 -6.82
CA TYR A 154 13.42 -10.32 -7.46
C TYR A 154 12.92 -9.75 -8.79
N ASP A 155 13.14 -10.47 -9.89
CA ASP A 155 12.82 -9.97 -11.22
C ASP A 155 11.52 -10.53 -11.77
N CYS A 156 11.02 -11.61 -11.18
CA CYS A 156 9.97 -12.41 -11.78
C CYS A 156 8.63 -12.07 -11.13
N VAL A 157 7.66 -11.69 -11.96
CA VAL A 157 6.32 -11.41 -11.50
C VAL A 157 5.52 -12.71 -11.44
N SER A 158 5.03 -13.05 -10.25
CA SER A 158 4.12 -14.17 -10.06
C SER A 158 2.70 -13.65 -10.01
N PHE A 159 1.95 -13.87 -11.06
CA PHE A 159 0.53 -13.54 -11.06
C PHE A 159 -0.25 -14.63 -10.36
N CYS A 160 -1.05 -14.25 -9.37
CA CYS A 160 -1.82 -15.21 -8.59
C CYS A 160 -3.32 -14.97 -8.51
N TYR A 161 -3.82 -13.81 -8.93
CA TYR A 161 -5.23 -13.50 -8.75
C TYR A 161 -5.71 -12.65 -9.92
N MET A 162 -6.94 -12.91 -10.37
CA MET A 162 -7.67 -12.02 -11.26
C MET A 162 -9.05 -11.79 -10.67
N HIS A 163 -9.47 -10.52 -10.63
CA HIS A 163 -10.69 -10.12 -9.95
C HIS A 163 -11.92 -10.31 -10.84
N HIS A 164 -12.94 -10.96 -10.29
CA HIS A 164 -14.16 -11.28 -11.02
C HIS A 164 -15.43 -10.74 -10.38
N MET A 165 -15.54 -10.80 -9.05
CA MET A 165 -16.81 -10.78 -8.37
C MET A 165 -16.74 -9.99 -7.09
N GLU A 166 -17.83 -9.28 -6.79
CA GLU A 166 -18.03 -8.68 -5.47
C GLU A 166 -19.26 -9.29 -4.81
N LEU A 167 -19.05 -9.91 -3.67
CA LEU A 167 -20.12 -10.56 -2.93
C LEU A 167 -20.99 -9.54 -2.24
N PRO A 168 -22.26 -9.87 -2.01
CA PRO A 168 -23.15 -8.96 -1.27
C PRO A 168 -22.53 -8.47 0.04
N THR A 169 -21.65 -9.27 0.62
CA THR A 169 -20.94 -8.87 1.82
C THR A 169 -19.95 -7.73 1.61
N GLY A 170 -19.65 -7.33 0.37
CA GLY A 170 -18.66 -6.32 0.14
C GLY A 170 -17.24 -6.84 0.00
N VAL A 171 -17.03 -8.15 0.08
CA VAL A 171 -15.75 -8.76 -0.14
C VAL A 171 -15.70 -9.30 -1.57
N HIS A 172 -14.53 -9.78 -1.97
CA HIS A 172 -14.21 -9.99 -3.37
C HIS A 172 -13.75 -11.41 -3.65
N ALA A 173 -14.03 -11.86 -4.87
CA ALA A 173 -13.69 -13.23 -5.25
C ALA A 173 -13.16 -13.23 -6.67
N GLY A 174 -12.29 -14.18 -6.96
CA GLY A 174 -11.75 -14.28 -8.29
C GLY A 174 -11.05 -15.59 -8.50
N THR A 175 -10.25 -15.61 -9.55
CA THR A 175 -9.61 -16.82 -10.04
C THR A 175 -8.10 -16.64 -10.00
N ASP A 176 -7.39 -17.75 -10.19
CA ASP A 176 -6.00 -17.65 -10.61
C ASP A 176 -5.96 -17.32 -12.09
N LEU A 177 -4.75 -17.14 -12.63
CA LEU A 177 -4.63 -16.72 -14.04
C LEU A 177 -4.85 -17.87 -15.01
N GLU A 178 -5.00 -19.10 -14.50
CA GLU A 178 -5.53 -20.20 -15.28
C GLU A 178 -7.07 -20.25 -15.31
N GLY A 179 -7.75 -19.35 -14.60
CA GLY A 179 -9.19 -19.27 -14.72
C GLY A 179 -9.96 -20.07 -13.70
N ASN A 180 -9.28 -20.67 -12.73
CA ASN A 180 -9.92 -21.47 -11.69
C ASN A 180 -10.21 -20.61 -10.49
N PHE A 181 -11.46 -20.62 -10.04
CA PHE A 181 -11.85 -19.82 -8.89
C PHE A 181 -11.10 -20.26 -7.64
N TYR A 182 -10.76 -19.29 -6.81
CA TYR A 182 -10.44 -19.54 -5.42
C TYR A 182 -11.76 -19.62 -4.66
N GLY A 183 -12.01 -20.76 -4.04
CA GLY A 183 -13.19 -20.90 -3.23
C GLY A 183 -14.34 -21.49 -3.99
N PRO A 184 -15.47 -21.62 -3.34
CA PRO A 184 -16.64 -22.26 -3.97
C PRO A 184 -17.53 -21.29 -4.72
N PHE A 185 -16.96 -20.31 -5.41
CA PHE A 185 -17.75 -19.30 -6.10
C PHE A 185 -17.86 -19.62 -7.58
N VAL A 186 -18.93 -19.09 -8.19
CA VAL A 186 -19.18 -19.26 -9.61
C VAL A 186 -19.51 -17.91 -10.22
N ASP A 187 -19.17 -17.76 -11.50
CA ASP A 187 -19.46 -16.51 -12.21
C ASP A 187 -20.86 -16.58 -12.85
N ARG A 188 -21.85 -16.73 -11.95
CA ARG A 188 -23.28 -16.67 -12.26
C ARG A 188 -23.95 -15.80 -11.21
N GLN A 189 -24.90 -14.97 -11.65
CA GLN A 189 -25.58 -14.05 -10.74
C GLN A 189 -26.63 -14.82 -9.95
N THR A 190 -26.15 -15.54 -8.94
CA THR A 190 -26.96 -16.34 -8.04
C THR A 190 -26.52 -16.08 -6.60
N ALA A 191 -27.36 -16.47 -5.66
CA ALA A 191 -27.07 -16.23 -4.25
C ALA A 191 -25.76 -16.89 -3.86
N GLN A 192 -24.82 -16.09 -3.36
CA GLN A 192 -23.55 -16.59 -2.88
C GLN A 192 -23.14 -15.76 -1.68
N ALA A 193 -22.48 -16.40 -0.72
CA ALA A 193 -22.02 -15.69 0.46
C ALA A 193 -20.70 -16.29 0.91
N ALA A 194 -19.88 -15.45 1.54
CA ALA A 194 -18.60 -15.91 2.05
C ALA A 194 -18.82 -16.74 3.30
N GLY A 195 -18.24 -17.95 3.31
CA GLY A 195 -18.28 -18.77 4.50
C GLY A 195 -17.64 -18.11 5.70
N THR A 196 -17.64 -18.84 6.81
CA THR A 196 -17.03 -18.33 8.02
C THR A 196 -15.57 -18.02 7.76
N ASP A 197 -15.17 -16.80 8.03
CA ASP A 197 -13.76 -16.49 7.96
C ASP A 197 -13.09 -16.93 9.26
N THR A 198 -11.76 -16.94 9.25
CA THR A 198 -11.01 -17.22 10.45
C THR A 198 -9.72 -16.41 10.37
N THR A 199 -9.07 -16.24 11.53
CA THR A 199 -7.86 -15.45 11.63
C THR A 199 -6.63 -16.29 11.32
N ILE A 200 -5.69 -15.71 10.58
CA ILE A 200 -4.53 -16.44 10.10
C ILE A 200 -3.45 -16.39 11.18
N THR A 201 -3.40 -17.46 11.98
CA THR A 201 -2.59 -17.47 13.20
C THR A 201 -1.12 -17.29 12.90
N VAL A 202 -0.59 -18.02 11.91
CA VAL A 202 0.84 -17.89 11.67
C VAL A 202 1.17 -16.46 11.27
N ASN A 203 0.23 -15.75 10.61
CA ASN A 203 0.50 -14.38 10.23
C ASN A 203 0.49 -13.47 11.44
N VAL A 204 -0.41 -13.73 12.39
CA VAL A 204 -0.46 -12.89 13.59
C VAL A 204 0.87 -12.99 14.34
N LEU A 205 1.39 -14.21 14.48
CA LEU A 205 2.68 -14.39 15.14
C LEU A 205 3.79 -13.69 14.39
N ALA A 206 3.78 -13.76 13.06
CA ALA A 206 4.78 -13.05 12.27
C ALA A 206 4.79 -11.58 12.65
N TRP A 207 3.60 -11.00 12.82
CA TRP A 207 3.46 -9.58 13.15
C TRP A 207 3.87 -9.26 14.57
N LEU A 208 3.65 -10.18 15.51
CA LEU A 208 4.21 -10.01 16.84
C LEU A 208 5.74 -9.97 16.81
N TYR A 209 6.37 -10.77 15.94
CA TYR A 209 7.83 -10.68 15.79
C TYR A 209 8.24 -9.33 15.21
N ALA A 210 7.56 -8.90 14.14
CA ALA A 210 7.76 -7.56 13.62
C ALA A 210 7.72 -6.54 14.76
N ALA A 211 6.73 -6.69 15.66
CA ALA A 211 6.56 -5.73 16.74
C ALA A 211 7.75 -5.77 17.70
N VAL A 212 8.19 -6.98 18.05
CA VAL A 212 9.38 -7.11 18.90
C VAL A 212 10.58 -6.47 18.23
N ILE A 213 10.78 -6.77 16.94
CA ILE A 213 11.90 -6.17 16.22
C ILE A 213 11.84 -4.65 16.28
N ASN A 214 10.65 -4.07 16.40
CA ASN A 214 10.50 -2.62 16.39
C ASN A 214 10.31 -2.02 17.78
N GLY A 215 10.65 -2.76 18.82
CA GLY A 215 10.62 -2.24 20.17
C GLY A 215 9.42 -2.61 21.02
N ASP A 216 8.32 -3.05 20.40
CA ASP A 216 7.11 -3.38 21.15
C ASP A 216 7.23 -4.77 21.73
N ARG A 217 7.21 -4.87 23.07
N ARG A 217 7.11 -4.88 23.05
CA ARG A 217 7.49 -6.15 23.71
CA ARG A 217 7.41 -6.16 23.69
C ARG A 217 6.75 -6.35 25.03
C ARG A 217 6.76 -6.36 25.05
N TRP A 218 5.79 -5.50 25.38
CA TRP A 218 5.07 -5.67 26.64
C TRP A 218 4.35 -7.00 26.73
N PHE A 219 3.90 -7.54 25.59
CA PHE A 219 3.13 -8.78 25.55
C PHE A 219 3.98 -10.03 25.70
N LEU A 220 5.30 -9.90 25.58
CA LEU A 220 6.17 -11.05 25.84
C LEU A 220 5.99 -11.50 27.28
N ASN A 221 5.75 -12.79 27.47
CA ASN A 221 5.42 -13.27 28.79
C ASN A 221 6.42 -14.30 29.29
N ARG A 222 6.47 -14.39 30.62
CA ARG A 222 7.35 -15.34 31.31
C ARG A 222 7.07 -16.76 30.86
N PHE A 223 5.84 -17.03 30.41
CA PHE A 223 5.39 -18.41 30.24
C PHE A 223 5.84 -18.96 28.88
N THR A 224 5.31 -20.13 28.52
CA THR A 224 5.65 -20.88 27.32
C THR A 224 4.59 -21.97 27.19
N THR A 225 4.48 -22.55 26.00
CA THR A 225 3.34 -23.41 25.74
C THR A 225 3.66 -24.45 24.68
N THR A 226 2.73 -25.39 24.50
CA THR A 226 2.87 -26.43 23.50
C THR A 226 1.87 -26.21 22.36
N LEU A 227 2.17 -26.82 21.21
CA LEU A 227 1.34 -26.63 20.02
C LEU A 227 -0.10 -27.04 20.28
N ASN A 228 -0.31 -28.25 20.82
CA ASN A 228 -1.65 -28.73 21.06
C ASN A 228 -2.39 -27.84 22.06
N ASP A 229 -1.70 -27.41 23.12
CA ASP A 229 -2.29 -26.46 24.07
C ASP A 229 -2.81 -25.23 23.34
N PHE A 230 -1.90 -24.54 22.63
CA PHE A 230 -2.29 -23.32 21.95
C PHE A 230 -3.41 -23.59 20.93
N ASN A 231 -3.26 -24.66 20.14
CA ASN A 231 -4.26 -24.93 19.11
C ASN A 231 -5.65 -25.16 19.71
N LEU A 232 -5.74 -25.58 20.97
CA LEU A 232 -7.04 -25.69 21.63
C LEU A 232 -7.70 -24.33 21.78
N VAL A 233 -6.97 -23.38 22.39
CA VAL A 233 -7.48 -22.02 22.54
C VAL A 233 -7.80 -21.41 21.19
N ALA A 234 -6.83 -21.44 20.27
CA ALA A 234 -7.01 -20.84 18.95
C ALA A 234 -8.39 -21.14 18.38
N MET A 235 -8.77 -22.43 18.32
CA MET A 235 -10.02 -22.78 17.66
C MET A 235 -11.23 -22.21 18.38
N LYS A 236 -11.15 -22.07 19.70
CA LYS A 236 -12.25 -21.43 20.42
C LYS A 236 -12.45 -20.00 19.98
N TYR A 237 -11.39 -19.37 19.45
CA TYR A 237 -11.42 -17.96 19.08
C TYR A 237 -11.49 -17.77 17.58
N ASN A 238 -11.80 -18.84 16.84
CA ASN A 238 -11.80 -18.83 15.38
C ASN A 238 -10.46 -18.38 14.85
N TYR A 239 -9.41 -18.94 15.43
CA TYR A 239 -8.07 -18.85 14.90
C TYR A 239 -7.72 -20.15 14.20
N GLU A 240 -7.03 -20.05 13.07
CA GLU A 240 -6.60 -21.21 12.33
C GLU A 240 -5.59 -22.01 13.16
N PRO A 241 -5.54 -23.33 12.99
CA PRO A 241 -4.58 -24.12 13.76
C PRO A 241 -3.16 -23.91 13.26
N LEU A 242 -2.22 -24.12 14.16
CA LEU A 242 -0.81 -23.93 13.88
C LEU A 242 -0.15 -25.28 13.69
N THR A 243 0.46 -25.48 12.52
CA THR A 243 1.12 -26.71 12.15
C THR A 243 2.62 -26.61 12.39
N GLN A 244 3.29 -27.76 12.44
CA GLN A 244 4.74 -27.72 12.54
C GLN A 244 5.35 -27.03 11.33
N ASP A 245 4.64 -27.01 10.19
CA ASP A 245 5.12 -26.26 9.04
C ASP A 245 5.18 -24.76 9.34
N HIS A 246 4.19 -24.26 10.07
CA HIS A 246 4.18 -22.84 10.42
C HIS A 246 5.32 -22.51 11.36
N VAL A 247 5.57 -23.38 12.35
CA VAL A 247 6.72 -23.17 13.23
C VAL A 247 8.00 -23.05 12.42
N ASP A 248 8.15 -23.88 11.39
CA ASP A 248 9.37 -23.85 10.59
C ASP A 248 9.54 -22.51 9.87
N ILE A 249 8.47 -22.02 9.25
CA ILE A 249 8.62 -20.81 8.43
C ILE A 249 8.81 -19.58 9.32
N LEU A 250 8.37 -19.62 10.57
CA LEU A 250 8.73 -18.58 11.52
C LEU A 250 10.17 -18.69 12.01
N GLY A 251 10.88 -19.77 11.69
CA GLY A 251 12.21 -19.98 12.23
C GLY A 251 13.18 -18.83 12.05
N PRO A 252 13.21 -18.19 10.88
CA PRO A 252 14.07 -17.00 10.75
C PRO A 252 13.75 -15.91 11.76
N LEU A 253 12.46 -15.65 11.99
CA LEU A 253 12.10 -14.58 12.93
C LEU A 253 12.44 -14.98 14.35
N SER A 254 12.15 -16.23 14.70
CA SER A 254 12.52 -16.73 16.02
C SER A 254 14.03 -16.65 16.24
N ALA A 255 14.80 -17.01 15.22
CA ALA A 255 16.26 -16.99 15.33
C ALA A 255 16.79 -15.57 15.40
N GLN A 256 16.17 -14.64 14.65
CA GLN A 256 16.63 -13.26 14.69
C GLN A 256 16.29 -12.59 16.01
N THR A 257 15.19 -12.98 16.66
CA THR A 257 14.78 -12.33 17.89
C THR A 257 15.22 -13.07 19.13
N GLY A 258 15.55 -14.36 19.01
CA GLY A 258 15.83 -15.17 20.18
C GLY A 258 14.59 -15.52 20.97
N ILE A 259 13.43 -15.55 20.33
CA ILE A 259 12.18 -15.92 20.98
C ILE A 259 11.65 -17.13 20.23
N ALA A 260 11.55 -18.25 20.92
CA ALA A 260 11.07 -19.47 20.30
C ALA A 260 9.61 -19.30 19.91
N VAL A 261 9.23 -20.01 18.85
CA VAL A 261 7.87 -19.89 18.35
C VAL A 261 6.86 -20.24 19.43
N LEU A 262 7.11 -21.33 20.17
CA LEU A 262 6.15 -21.72 21.20
C LEU A 262 6.14 -20.73 22.37
N ASP A 263 7.27 -20.08 22.63
CA ASP A 263 7.31 -18.96 23.55
C ASP A 263 6.36 -17.85 23.09
N MET A 264 6.49 -17.43 21.83
CA MET A 264 5.61 -16.39 21.32
C MET A 264 4.15 -16.84 21.29
N CYS A 265 3.89 -18.13 21.04
CA CYS A 265 2.52 -18.63 21.08
C CYS A 265 1.91 -18.42 22.45
N ALA A 266 2.73 -18.52 23.50
CA ALA A 266 2.27 -18.23 24.86
C ALA A 266 1.79 -16.78 24.96
N SER A 267 2.55 -15.85 24.37
CA SER A 267 2.09 -14.46 24.36
C SER A 267 0.77 -14.33 23.62
N LEU A 268 0.63 -15.00 22.48
CA LEU A 268 -0.60 -14.89 21.71
C LEU A 268 -1.76 -15.50 22.45
N LYS A 269 -1.53 -16.61 23.15
CA LYS A 269 -2.59 -17.21 23.96
C LYS A 269 -3.08 -16.23 25.03
N GLU A 270 -2.13 -15.55 25.70
CA GLU A 270 -2.50 -14.58 26.72
C GLU A 270 -3.30 -13.42 26.13
N LEU A 271 -2.83 -12.85 25.01
CA LEU A 271 -3.57 -11.77 24.37
C LEU A 271 -4.99 -12.19 24.01
N LEU A 272 -5.19 -13.46 23.63
CA LEU A 272 -6.53 -13.90 23.25
C LEU A 272 -7.44 -14.01 24.48
N GLN A 273 -6.91 -14.49 25.59
CA GLN A 273 -7.73 -14.61 26.78
C GLN A 273 -8.00 -13.25 27.42
N ASN A 274 -7.02 -12.35 27.36
CA ASN A 274 -7.06 -11.14 28.17
C ASN A 274 -7.12 -9.84 27.38
N GLY A 275 -7.16 -9.90 26.06
CA GLY A 275 -7.15 -8.68 25.29
C GLY A 275 -5.92 -7.84 25.52
N MET A 276 -5.86 -6.66 24.91
CA MET A 276 -4.68 -5.82 24.98
C MET A 276 -4.71 -4.84 26.14
N ASN A 277 -5.85 -4.65 26.79
CA ASN A 277 -6.02 -3.66 27.85
C ASN A 277 -5.59 -2.28 27.38
N GLY A 278 -6.28 -1.77 26.37
CA GLY A 278 -5.99 -0.43 25.88
C GLY A 278 -4.54 -0.17 25.55
N ARG A 279 -3.75 -1.23 25.42
CA ARG A 279 -2.43 -1.12 24.83
C ARG A 279 -2.54 -1.40 23.32
N THR A 280 -1.47 -1.09 22.60
CA THR A 280 -1.43 -1.33 21.17
C THR A 280 -0.15 -2.07 20.83
N ILE A 281 -0.15 -2.68 19.64
CA ILE A 281 1.02 -3.31 19.07
C ILE A 281 1.18 -2.76 17.67
N LEU A 282 2.35 -2.17 17.39
CA LEU A 282 2.61 -1.54 16.11
C LEU A 282 1.46 -0.61 15.72
N GLY A 283 0.92 0.10 16.71
CA GLY A 283 -0.17 1.03 16.51
C GLY A 283 -1.53 0.41 16.26
N SER A 284 -1.69 -0.89 16.44
CA SER A 284 -2.97 -1.55 16.27
C SER A 284 -3.55 -1.88 17.63
N ALA A 285 -4.85 -1.65 17.78
CA ALA A 285 -5.62 -2.15 18.93
C ALA A 285 -6.20 -3.53 18.69
N LEU A 286 -5.95 -4.12 17.52
CA LEU A 286 -6.39 -5.47 17.20
C LEU A 286 -5.20 -6.23 16.66
N LEU A 287 -5.36 -7.55 16.54
CA LEU A 287 -4.28 -8.40 16.08
C LEU A 287 -4.34 -8.46 14.56
N GLU A 288 -3.20 -8.22 13.92
CA GLU A 288 -3.11 -8.09 12.47
C GLU A 288 -2.69 -9.42 11.88
N ASP A 289 -3.41 -9.87 10.83
CA ASP A 289 -3.10 -11.18 10.25
C ASP A 289 -2.92 -11.15 8.73
N GLU A 290 -2.60 -9.98 8.15
CA GLU A 290 -2.33 -9.91 6.72
C GLU A 290 -0.85 -9.65 6.42
N PHE A 291 0.05 -10.05 7.33
CA PHE A 291 1.50 -10.08 7.08
C PHE A 291 1.99 -11.53 7.23
N THR A 292 2.52 -12.12 6.17
CA THR A 292 3.06 -13.46 6.28
C THR A 292 4.44 -13.40 6.92
N PRO A 293 4.97 -14.55 7.36
CA PRO A 293 6.37 -14.54 7.83
C PRO A 293 7.34 -14.00 6.78
N PHE A 294 7.16 -14.37 5.51
CA PHE A 294 8.03 -13.82 4.48
C PHE A 294 7.91 -12.30 4.41
N ASP A 295 6.67 -11.78 4.49
CA ASP A 295 6.46 -10.35 4.45
C ASP A 295 7.25 -9.64 5.53
N VAL A 296 7.26 -10.21 6.74
CA VAL A 296 7.98 -9.57 7.83
C VAL A 296 9.48 -9.62 7.57
N VAL A 297 9.99 -10.80 7.20
CA VAL A 297 11.40 -10.95 6.87
C VAL A 297 11.79 -9.99 5.77
N ARG A 298 11.00 -9.95 4.69
CA ARG A 298 11.31 -9.07 3.58
C ARG A 298 11.43 -7.63 4.05
N GLN A 299 10.50 -7.19 4.88
CA GLN A 299 10.43 -5.78 5.22
C GLN A 299 11.27 -5.41 6.43
N CYS A 300 11.64 -6.39 7.24
CA CYS A 300 12.42 -6.16 8.45
C CYS A 300 13.79 -6.83 8.35
N SER A 301 14.27 -7.06 7.13
CA SER A 301 15.58 -7.62 6.87
C SER A 301 16.11 -7.11 5.52
N GLY A 302 15.41 -7.46 4.44
CA GLY A 302 15.84 -7.09 3.10
C GLY A 302 15.17 -7.90 2.00
N SER B 1 -16.76 -1.83 -4.46
CA SER B 1 -16.78 -1.53 -3.00
C SER B 1 -15.48 -1.91 -2.30
N GLY B 2 -15.44 -1.64 -1.00
CA GLY B 2 -14.29 -1.92 -0.18
C GLY B 2 -13.47 -0.67 0.07
N PHE B 3 -12.61 -0.76 1.09
CA PHE B 3 -11.82 0.40 1.51
C PHE B 3 -10.45 -0.09 1.98
N ARG B 4 -9.41 0.48 1.38
CA ARG B 4 -8.02 0.06 1.57
C ARG B 4 -7.12 1.28 1.60
N LYS B 5 -6.08 1.21 2.42
CA LYS B 5 -5.02 2.21 2.36
C LYS B 5 -4.21 2.01 1.09
N MET B 6 -4.56 2.70 0.01
CA MET B 6 -4.00 2.37 -1.29
C MET B 6 -3.03 3.45 -1.71
N ALA B 7 -1.91 3.00 -2.25
CA ALA B 7 -0.90 3.87 -2.81
C ALA B 7 -1.19 4.09 -4.27
N PHE B 8 -0.59 5.11 -4.83
CA PHE B 8 -0.62 5.26 -6.28
C PHE B 8 0.25 4.23 -6.96
N PRO B 9 -0.12 3.82 -8.17
CA PRO B 9 0.76 2.95 -8.95
C PRO B 9 2.12 3.62 -9.08
N SER B 10 3.18 2.85 -8.82
CA SER B 10 4.51 3.40 -8.67
C SER B 10 5.38 3.30 -9.92
N GLY B 11 4.87 2.75 -11.02
CA GLY B 11 5.71 2.48 -12.17
C GLY B 11 6.40 3.72 -12.71
N LYS B 12 5.69 4.85 -12.73
CA LYS B 12 6.31 6.06 -13.27
C LYS B 12 7.49 6.53 -12.44
N VAL B 13 7.52 6.19 -11.14
CA VAL B 13 8.62 6.57 -10.27
C VAL B 13 9.73 5.52 -10.30
N GLU B 14 9.38 4.24 -10.35
CA GLU B 14 10.40 3.19 -10.50
C GLU B 14 11.34 3.51 -11.65
N GLY B 15 10.82 4.02 -12.77
CA GLY B 15 11.69 4.34 -13.89
C GLY B 15 12.65 5.50 -13.65
N CYS B 16 12.59 6.15 -12.48
CA CYS B 16 13.47 7.26 -12.16
C CYS B 16 14.48 6.96 -11.06
N MET B 17 14.42 5.78 -10.46
CA MET B 17 15.24 5.48 -9.30
C MET B 17 16.60 4.99 -9.78
N VAL B 18 17.67 5.57 -9.23
CA VAL B 18 19.04 5.16 -9.52
C VAL B 18 19.80 5.03 -8.19
N GLN B 19 20.98 4.43 -8.28
CA GLN B 19 21.85 4.23 -7.14
C GLN B 19 22.92 5.32 -7.15
N VAL B 20 23.14 5.97 -6.00
CA VAL B 20 24.14 7.02 -5.89
C VAL B 20 25.12 6.63 -4.80
N THR B 21 26.41 6.68 -5.14
CA THR B 21 27.46 6.35 -4.19
C THR B 21 28.48 7.47 -4.16
N CYS B 22 28.81 7.93 -2.96
CA CYS B 22 29.89 8.87 -2.74
C CYS B 22 30.65 8.37 -1.52
N GLY B 23 31.93 8.09 -1.68
CA GLY B 23 32.74 7.65 -0.56
C GLY B 23 32.24 6.33 -0.02
N THR B 24 31.89 6.31 1.25
CA THR B 24 31.43 5.10 1.93
C THR B 24 29.91 4.99 1.99
N THR B 25 29.17 5.79 1.23
CA THR B 25 27.71 5.85 1.34
C THR B 25 27.11 5.47 0.01
N THR B 26 26.16 4.54 0.05
CA THR B 26 25.33 4.20 -1.09
C THR B 26 23.88 4.45 -0.71
N LEU B 27 23.14 5.14 -1.57
CA LEU B 27 21.73 5.39 -1.32
C LEU B 27 21.05 5.65 -2.64
N ASN B 28 19.82 6.13 -2.60
CA ASN B 28 19.00 6.25 -3.79
C ASN B 28 19.02 7.66 -4.33
N GLY B 29 18.92 7.76 -5.66
CA GLY B 29 18.73 9.04 -6.31
C GLY B 29 17.54 9.00 -7.25
N LEU B 30 17.05 10.20 -7.57
CA LEU B 30 15.85 10.40 -8.36
C LEU B 30 16.27 11.08 -9.65
N TRP B 31 16.24 10.33 -10.75
CA TRP B 31 16.74 10.75 -12.05
C TRP B 31 15.58 11.30 -12.86
N LEU B 32 15.54 12.62 -13.01
CA LEU B 32 14.54 13.30 -13.82
C LEU B 32 15.28 14.21 -14.79
N ASP B 33 14.92 14.13 -16.07
CA ASP B 33 15.66 14.86 -17.14
C ASP B 33 17.15 14.56 -16.95
N ASP B 34 18.03 15.57 -16.88
CA ASP B 34 19.45 15.30 -16.79
C ASP B 34 19.99 15.53 -15.38
N VAL B 35 19.15 15.36 -14.36
CA VAL B 35 19.53 15.62 -12.98
C VAL B 35 19.17 14.42 -12.11
N VAL B 36 20.07 14.10 -11.20
CA VAL B 36 19.86 13.12 -10.15
C VAL B 36 19.83 13.86 -8.83
N TYR B 37 18.72 13.78 -8.12
CA TYR B 37 18.52 14.37 -6.80
C TYR B 37 18.69 13.31 -5.73
N CYS B 38 19.41 13.65 -4.66
CA CYS B 38 19.58 12.73 -3.55
C CYS B 38 19.88 13.54 -2.30
N PRO B 39 19.81 12.92 -1.12
CA PRO B 39 20.17 13.64 0.10
C PRO B 39 21.62 14.13 0.07
N ARG B 40 21.86 15.36 0.54
CA ARG B 40 23.21 15.85 0.50
C ARG B 40 24.10 15.17 1.55
N HIS B 41 23.52 14.55 2.58
CA HIS B 41 24.37 13.86 3.54
C HIS B 41 25.16 12.71 2.90
N VAL B 42 24.85 12.33 1.66
CA VAL B 42 25.68 11.32 0.99
C VAL B 42 27.13 11.76 0.88
N ILE B 43 27.41 13.07 0.87
CA ILE B 43 28.81 13.49 0.73
C ILE B 43 29.58 13.47 2.04
N CYS B 44 28.93 13.15 3.16
CA CYS B 44 29.58 13.14 4.46
C CYS B 44 30.13 11.77 4.81
N THR B 45 31.29 11.77 5.46
CA THR B 45 31.76 10.62 6.24
C THR B 45 31.04 10.60 7.57
N SER B 46 30.93 9.41 8.17
CA SER B 46 30.17 9.30 9.41
C SER B 46 30.76 10.13 10.54
N GLU B 47 31.98 10.64 10.40
CA GLU B 47 32.56 11.56 11.37
C GLU B 47 32.12 12.99 11.08
N ASP B 48 32.12 13.36 9.80
CA ASP B 48 31.58 14.62 9.36
C ASP B 48 30.15 14.88 9.81
N MET B 49 29.44 13.87 10.30
CA MET B 49 27.99 13.97 10.36
C MET B 49 27.46 14.83 11.51
N LEU B 50 28.26 15.11 12.53
CA LEU B 50 27.70 15.84 13.65
C LEU B 50 27.52 17.32 13.29
N ASN B 51 28.55 17.95 12.74
CA ASN B 51 28.49 19.36 12.34
C ASN B 51 29.13 19.52 10.98
N PRO B 52 28.54 18.94 9.94
CA PRO B 52 29.13 19.08 8.60
C PRO B 52 28.97 20.50 8.09
N ASN B 53 29.97 20.99 7.37
CA ASN B 53 29.86 22.24 6.63
C ASN B 53 29.68 21.81 5.19
N TYR B 54 28.42 21.72 4.77
CA TYR B 54 28.12 21.14 3.47
C TYR B 54 28.70 21.96 2.32
N GLU B 55 28.72 23.30 2.45
CA GLU B 55 29.29 24.08 1.35
C GLU B 55 30.78 23.76 1.18
N ASP B 56 31.50 23.75 2.30
CA ASP B 56 32.93 23.42 2.23
C ASP B 56 33.15 22.01 1.70
N LEU B 57 32.37 21.04 2.18
CA LEU B 57 32.53 19.67 1.69
C LEU B 57 32.25 19.57 0.19
N LEU B 58 31.15 20.16 -0.27
CA LEU B 58 30.78 19.99 -1.67
C LEU B 58 31.84 20.60 -2.60
N ILE B 59 32.41 21.73 -2.20
CA ILE B 59 33.47 22.36 -2.98
C ILE B 59 34.63 21.38 -3.18
N ARG B 60 34.94 20.61 -2.15
CA ARG B 60 36.07 19.68 -2.18
C ARG B 60 35.80 18.42 -2.97
N LYS B 61 34.56 18.21 -3.44
CA LYS B 61 34.23 17.03 -4.22
C LYS B 61 34.40 17.32 -5.70
N SER B 62 34.77 16.28 -6.46
CA SER B 62 34.76 16.32 -7.91
C SER B 62 33.60 15.49 -8.45
N ASN B 63 33.22 15.77 -9.71
CA ASN B 63 32.19 14.95 -10.36
C ASN B 63 32.51 13.47 -10.26
N HIS B 64 33.79 13.12 -10.39
CA HIS B 64 34.18 11.71 -10.41
C HIS B 64 34.18 11.07 -9.03
N ASN B 65 33.92 11.84 -7.97
CA ASN B 65 33.72 11.19 -6.69
C ASN B 65 32.31 10.62 -6.53
N PHE B 66 31.40 10.88 -7.47
CA PHE B 66 30.02 10.41 -7.43
C PHE B 66 29.86 9.29 -8.44
N LEU B 67 29.43 8.13 -7.99
CA LEU B 67 29.12 7.00 -8.87
C LEU B 67 27.60 6.86 -8.92
N VAL B 68 27.04 7.08 -10.11
CA VAL B 68 25.60 6.96 -10.35
C VAL B 68 25.40 5.76 -11.27
N GLN B 69 24.65 4.78 -10.81
CA GLN B 69 24.39 3.56 -11.56
C GLN B 69 22.89 3.46 -11.79
N ALA B 70 22.50 3.43 -13.06
CA ALA B 70 21.12 3.21 -13.47
C ALA B 70 21.06 1.71 -13.77
N GLY B 71 20.50 0.95 -12.83
CA GLY B 71 20.51 -0.49 -12.90
C GLY B 71 21.89 -1.04 -13.19
N ASN B 72 22.21 -1.09 -14.47
CA ASN B 72 23.43 -1.72 -14.95
C ASN B 72 24.28 -0.76 -15.77
N VAL B 73 23.81 0.47 -15.97
CA VAL B 73 24.53 1.50 -16.71
C VAL B 73 25.08 2.52 -15.72
N GLN B 74 26.23 3.09 -16.07
CA GLN B 74 26.93 4.06 -15.24
C GLN B 74 26.78 5.44 -15.85
N LEU B 75 26.18 6.36 -15.12
CA LEU B 75 25.88 7.69 -15.65
C LEU B 75 27.00 8.65 -15.27
N ARG B 76 27.53 9.35 -16.28
CA ARG B 76 28.63 10.28 -16.07
C ARG B 76 28.10 11.56 -15.44
N VAL B 77 28.59 11.86 -14.24
CA VAL B 77 28.25 13.12 -13.59
C VAL B 77 29.12 14.21 -14.21
N ILE B 78 28.48 15.31 -14.61
CA ILE B 78 29.18 16.42 -15.23
C ILE B 78 28.99 17.72 -14.49
N GLY B 79 28.27 17.72 -13.38
CA GLY B 79 28.15 18.92 -12.58
C GLY B 79 27.47 18.56 -11.28
N HIS B 80 27.62 19.46 -10.31
CA HIS B 80 26.92 19.21 -9.05
C HIS B 80 26.73 20.50 -8.27
N SER B 81 25.56 20.60 -7.62
CA SER B 81 25.25 21.73 -6.79
C SER B 81 24.29 21.27 -5.69
N MET B 82 23.88 22.23 -4.89
CA MET B 82 23.05 22.04 -3.70
C MET B 82 21.92 23.06 -3.74
N GLN B 83 20.71 22.60 -3.42
CA GLN B 83 19.60 23.49 -3.08
C GLN B 83 19.13 23.04 -1.70
N ASN B 84 19.41 23.84 -0.68
CA ASN B 84 19.13 23.46 0.69
C ASN B 84 19.68 22.08 0.97
N CYS B 85 18.87 21.12 1.38
CA CYS B 85 19.44 19.82 1.78
C CYS B 85 19.45 18.79 0.67
N VAL B 86 19.22 19.20 -0.57
CA VAL B 86 19.18 18.29 -1.70
C VAL B 86 20.40 18.53 -2.56
N LEU B 87 21.09 17.44 -2.87
CA LEU B 87 22.20 17.41 -3.79
C LEU B 87 21.67 17.13 -5.20
N LYS B 88 22.13 17.90 -6.17
CA LYS B 88 21.71 17.78 -7.55
C LYS B 88 22.94 17.40 -8.35
N LEU B 89 22.87 16.27 -9.04
CA LEU B 89 23.99 15.75 -9.83
C LEU B 89 23.59 15.84 -11.30
N LYS B 90 24.23 16.73 -12.04
CA LYS B 90 23.94 16.85 -13.47
C LYS B 90 24.63 15.69 -14.19
N VAL B 91 23.88 14.98 -15.03
CA VAL B 91 24.43 13.86 -15.78
C VAL B 91 24.36 14.17 -17.27
N ASP B 92 25.13 13.41 -18.05
CA ASP B 92 25.27 13.66 -19.48
C ASP B 92 24.15 13.07 -20.30
N THR B 93 23.14 12.45 -19.68
CA THR B 93 22.04 11.81 -20.38
C THR B 93 20.75 12.18 -19.67
N ALA B 94 19.75 12.64 -20.42
CA ALA B 94 18.41 12.75 -19.87
C ALA B 94 17.78 11.38 -19.69
N ASN B 95 17.02 11.22 -18.61
CA ASN B 95 16.33 9.97 -18.38
C ASN B 95 15.19 9.82 -19.37
N PRO B 96 15.26 8.88 -20.31
CA PRO B 96 14.16 8.75 -21.28
C PRO B 96 12.86 8.32 -20.64
N LYS B 97 12.90 7.79 -19.43
CA LYS B 97 11.69 7.39 -18.73
C LYS B 97 11.13 8.50 -17.84
N THR B 98 11.60 9.72 -18.02
CA THR B 98 11.12 10.81 -17.18
C THR B 98 9.63 11.04 -17.41
N PRO B 99 8.79 10.94 -16.38
CA PRO B 99 7.36 11.23 -16.55
C PRO B 99 7.13 12.74 -16.47
N LYS B 100 5.93 13.17 -16.86
CA LYS B 100 5.50 14.51 -16.54
C LYS B 100 5.48 14.64 -15.02
N TYR B 101 6.11 15.70 -14.50
CA TYR B 101 6.22 15.79 -13.05
C TYR B 101 6.17 17.22 -12.58
N LYS B 102 5.89 17.36 -11.29
CA LYS B 102 5.97 18.63 -10.60
C LYS B 102 6.64 18.35 -9.26
N PHE B 103 7.31 19.37 -8.72
CA PHE B 103 7.77 19.39 -7.34
C PHE B 103 6.78 20.20 -6.48
N VAL B 104 6.30 19.60 -5.40
CA VAL B 104 5.29 20.20 -4.54
C VAL B 104 5.64 20.04 -3.07
N ARG B 105 5.30 21.05 -2.28
CA ARG B 105 5.42 20.99 -0.83
C ARG B 105 4.03 20.77 -0.23
N ILE B 106 3.84 19.66 0.48
CA ILE B 106 2.52 19.38 1.04
C ILE B 106 2.46 19.94 2.46
N GLN B 107 1.27 19.85 3.07
CA GLN B 107 0.99 20.32 4.42
C GLN B 107 0.78 19.12 5.33
N PRO B 108 1.02 19.25 6.63
CA PRO B 108 0.67 18.16 7.54
C PRO B 108 -0.80 17.80 7.42
N GLY B 109 -1.09 16.50 7.57
CA GLY B 109 -2.39 15.96 7.30
C GLY B 109 -2.55 15.37 5.92
N GLN B 110 -1.76 15.81 4.96
CA GLN B 110 -1.86 15.32 3.59
C GLN B 110 -1.10 14.01 3.46
N THR B 111 -1.58 13.18 2.55
CA THR B 111 -1.03 11.84 2.35
C THR B 111 -0.30 11.77 1.03
N PHE B 112 0.52 10.72 0.90
CA PHE B 112 1.27 10.47 -0.32
C PHE B 112 1.77 9.03 -0.29
N SER B 113 2.14 8.54 -1.47
CA SER B 113 2.72 7.22 -1.61
C SER B 113 4.23 7.31 -1.49
N VAL B 114 4.82 6.34 -0.79
CA VAL B 114 6.27 6.21 -0.71
C VAL B 114 6.71 4.96 -1.47
N LEU B 115 7.65 5.14 -2.40
CA LEU B 115 8.37 4.04 -3.04
C LEU B 115 9.65 3.85 -2.26
N ALA B 116 9.64 2.90 -1.34
CA ALA B 116 10.84 2.54 -0.59
C ALA B 116 11.79 1.81 -1.53
N CYS B 117 13.03 2.28 -1.55
CA CYS B 117 14.07 1.73 -2.40
C CYS B 117 15.29 1.39 -1.57
N TYR B 118 16.12 0.51 -2.12
N TYR B 118 16.09 0.45 -2.07
CA TYR B 118 17.37 0.12 -1.48
CA TYR B 118 17.36 0.08 -1.46
C TYR B 118 18.47 0.05 -2.51
C TYR B 118 18.42 0.13 -2.55
N ASN B 119 19.45 0.94 -2.35
CA ASN B 119 20.59 1.02 -3.27
C ASN B 119 20.12 1.13 -4.71
N GLY B 120 19.14 1.97 -4.94
CA GLY B 120 18.63 2.19 -6.27
C GLY B 120 17.52 1.26 -6.71
N SER B 121 17.23 0.20 -5.95
CA SER B 121 16.29 -0.82 -6.40
C SER B 121 14.95 -0.68 -5.70
N PRO B 122 13.84 -0.47 -6.43
CA PRO B 122 12.54 -0.36 -5.77
C PRO B 122 12.21 -1.62 -4.98
N SER B 123 11.72 -1.41 -3.77
CA SER B 123 11.46 -2.47 -2.82
C SER B 123 9.99 -2.63 -2.50
N GLY B 124 9.26 -1.54 -2.31
CA GLY B 124 7.87 -1.66 -1.94
C GLY B 124 7.24 -0.28 -1.98
N VAL B 125 5.92 -0.27 -1.93
CA VAL B 125 5.14 0.96 -1.97
C VAL B 125 4.08 0.93 -0.89
N TYR B 126 3.89 2.08 -0.23
CA TYR B 126 2.85 2.24 0.78
C TYR B 126 2.42 3.70 0.85
N GLN B 127 1.26 3.91 1.45
CA GLN B 127 0.66 5.22 1.65
C GLN B 127 1.02 5.76 3.03
N CYS B 128 1.41 7.04 3.09
CA CYS B 128 1.87 7.75 4.27
C CYS B 128 1.07 9.04 4.44
N ALA B 129 0.90 9.48 5.69
CA ALA B 129 0.43 10.82 5.98
C ALA B 129 1.57 11.61 6.58
N MET B 130 1.69 12.88 6.20
CA MET B 130 2.57 13.81 6.91
C MET B 130 1.91 14.11 8.24
N ARG B 131 2.55 13.72 9.34
CA ARG B 131 1.95 13.92 10.65
C ARG B 131 1.93 15.40 11.00
N PRO B 132 1.04 15.81 11.91
CA PRO B 132 1.07 17.21 12.40
C PRO B 132 2.44 17.65 12.92
N ASN B 133 3.25 16.75 13.48
CA ASN B 133 4.57 17.09 13.98
C ASN B 133 5.66 16.97 12.92
N PHE B 134 5.25 16.86 11.65
CA PHE B 134 6.11 16.93 10.48
C PHE B 134 7.01 15.72 10.31
N THR B 135 6.66 14.58 10.90
CA THR B 135 7.31 13.31 10.63
C THR B 135 6.38 12.44 9.80
N ILE B 136 6.91 11.34 9.27
CA ILE B 136 6.08 10.28 8.72
C ILE B 136 6.41 9.00 9.47
N LYS B 137 5.45 8.09 9.53
CA LYS B 137 5.67 6.77 10.11
C LYS B 137 5.85 5.80 8.93
N GLY B 138 7.10 5.61 8.53
CA GLY B 138 7.42 4.86 7.34
C GLY B 138 7.99 3.49 7.64
N SER B 139 8.48 2.86 6.58
CA SER B 139 9.20 1.60 6.69
C SER B 139 10.42 1.67 5.79
N PHE B 140 11.60 1.61 6.39
CA PHE B 140 12.84 1.79 5.66
C PHE B 140 13.94 0.92 6.26
N LEU B 141 14.91 0.53 5.42
CA LEU B 141 16.10 -0.17 5.90
C LEU B 141 17.35 0.60 5.49
N ASN B 142 18.55 0.07 5.72
CA ASN B 142 19.73 0.82 5.31
C ASN B 142 19.69 0.97 3.80
N GLY B 143 20.26 2.05 3.29
CA GLY B 143 20.22 2.30 1.86
C GLY B 143 18.92 2.85 1.34
N SER B 144 18.00 3.21 2.22
CA SER B 144 16.68 3.71 1.83
C SER B 144 16.63 5.23 1.68
N CYS B 145 17.64 5.94 2.19
CA CYS B 145 17.67 7.39 2.05
C CYS B 145 17.63 7.75 0.57
N GLY B 146 16.93 8.82 0.24
CA GLY B 146 16.69 9.15 -1.15
C GLY B 146 15.42 8.55 -1.72
N SER B 147 14.80 7.58 -1.06
CA SER B 147 13.44 7.18 -1.41
C SER B 147 12.52 8.40 -1.43
N VAL B 148 11.53 8.37 -2.33
CA VAL B 148 10.66 9.53 -2.47
C VAL B 148 9.19 9.22 -2.23
N GLY B 149 8.46 10.28 -1.88
CA GLY B 149 7.03 10.25 -1.75
C GLY B 149 6.44 11.11 -2.85
N PHE B 150 5.26 10.70 -3.33
CA PHE B 150 4.64 11.30 -4.49
C PHE B 150 3.13 11.09 -4.47
N ASN B 151 2.44 11.93 -5.23
CA ASN B 151 1.08 11.73 -5.66
C ASN B 151 1.04 11.77 -7.18
N ILE B 152 -0.03 11.25 -7.78
CA ILE B 152 -0.20 11.32 -9.22
C ILE B 152 -1.51 12.00 -9.57
N ASP B 153 -1.48 12.85 -10.60
CA ASP B 153 -2.65 13.58 -11.11
C ASP B 153 -2.92 13.13 -12.55
N TYR B 154 -3.65 12.02 -12.70
CA TYR B 154 -3.88 11.42 -14.01
C TYR B 154 -2.55 11.02 -14.63
N ASP B 155 -1.85 11.97 -15.25
CA ASP B 155 -0.62 11.67 -15.98
C ASP B 155 0.65 12.19 -15.31
N CYS B 156 0.53 13.10 -14.36
CA CYS B 156 1.63 13.92 -13.87
C CYS B 156 1.97 13.56 -12.42
N VAL B 157 3.25 13.26 -12.18
CA VAL B 157 3.73 12.85 -10.86
C VAL B 157 4.16 14.08 -10.07
N SER B 158 3.51 14.30 -8.92
CA SER B 158 3.89 15.36 -7.99
C SER B 158 4.78 14.76 -6.89
N PHE B 159 6.07 15.08 -6.93
CA PHE B 159 7.02 14.60 -5.93
C PHE B 159 6.96 15.55 -4.75
N CYS B 160 6.71 15.03 -3.56
CA CYS B 160 6.56 15.89 -2.39
C CYS B 160 7.50 15.54 -1.26
N TYR B 161 8.16 14.40 -1.29
CA TYR B 161 9.00 14.01 -0.17
C TYR B 161 10.21 13.25 -0.66
N MET B 162 11.35 13.49 -0.01
CA MET B 162 12.54 12.68 -0.12
C MET B 162 13.01 12.31 1.28
N HIS B 163 13.38 11.04 1.46
CA HIS B 163 13.70 10.51 2.78
C HIS B 163 15.17 10.76 3.13
N HIS B 164 15.39 11.35 4.31
CA HIS B 164 16.71 11.76 4.77
C HIS B 164 17.11 11.10 6.07
N MET B 165 16.19 11.01 7.03
CA MET B 165 16.54 10.91 8.44
C MET B 165 15.67 9.89 9.14
N GLU B 166 16.29 9.10 10.02
CA GLU B 166 15.57 8.28 10.98
C GLU B 166 16.01 8.73 12.36
N LEU B 167 15.07 9.22 13.15
CA LEU B 167 15.38 9.63 14.51
C LEU B 167 15.60 8.39 15.38
N PRO B 168 16.34 8.55 16.47
CA PRO B 168 16.53 7.41 17.39
C PRO B 168 15.23 6.77 17.86
N THR B 169 14.14 7.54 17.92
CA THR B 169 12.81 7.02 18.22
C THR B 169 12.23 6.17 17.10
N GLY B 170 12.89 6.09 15.97
CA GLY B 170 12.35 5.34 14.85
C GLY B 170 11.42 6.11 13.92
N VAL B 171 11.14 7.38 14.20
CA VAL B 171 10.32 8.13 13.26
C VAL B 171 11.21 8.69 12.15
N HIS B 172 10.58 8.97 11.02
CA HIS B 172 11.27 9.36 9.81
C HIS B 172 11.02 10.81 9.48
N ALA B 173 12.05 11.47 8.96
CA ALA B 173 11.95 12.85 8.54
C ALA B 173 12.69 13.04 7.21
N GLY B 174 12.32 14.10 6.52
CA GLY B 174 12.86 14.34 5.20
C GLY B 174 12.41 15.68 4.69
N THR B 175 12.65 15.88 3.39
CA THR B 175 12.55 17.18 2.75
C THR B 175 11.55 17.10 1.61
N ASP B 176 11.18 18.28 1.11
CA ASP B 176 10.61 18.36 -0.22
C ASP B 176 11.75 18.31 -1.25
N LEU B 177 11.40 18.36 -2.52
CA LEU B 177 12.38 18.25 -3.59
C LEU B 177 13.14 19.56 -3.83
N GLU B 178 12.80 20.61 -3.09
CA GLU B 178 13.65 21.77 -2.97
C GLU B 178 14.65 21.67 -1.82
N GLY B 179 14.64 20.58 -1.07
CA GLY B 179 15.61 20.36 -0.02
C GLY B 179 15.28 21.00 1.30
N ASN B 180 14.09 21.59 1.42
CA ASN B 180 13.64 22.15 2.70
C ASN B 180 13.03 21.05 3.55
N PHE B 181 13.54 20.86 4.76
CA PHE B 181 12.92 19.86 5.63
C PHE B 181 11.48 20.19 5.94
N TYR B 182 10.67 19.14 6.05
CA TYR B 182 9.39 19.21 6.74
C TYR B 182 9.69 19.18 8.23
N GLY B 183 9.31 20.21 8.96
CA GLY B 183 9.57 20.22 10.38
C GLY B 183 10.89 20.89 10.74
N PRO B 184 11.18 20.96 12.05
CA PRO B 184 12.35 21.73 12.49
C PRO B 184 13.62 20.92 12.51
N PHE B 185 13.75 19.96 11.61
CA PHE B 185 14.90 19.06 11.65
C PHE B 185 16.02 19.59 10.77
N VAL B 186 17.24 19.11 11.06
CA VAL B 186 18.45 19.47 10.32
C VAL B 186 19.22 18.19 9.99
N ASP B 187 19.95 18.20 8.87
CA ASP B 187 20.69 17.00 8.45
C ASP B 187 22.10 16.97 9.06
N ARG B 188 22.13 16.97 10.39
CA ARG B 188 23.32 16.75 11.20
C ARG B 188 22.94 15.74 12.27
N GLN B 189 23.91 14.93 12.71
CA GLN B 189 23.56 13.84 13.63
C GLN B 189 23.58 14.30 15.08
N THR B 190 23.02 15.49 15.31
CA THR B 190 22.87 16.05 16.64
C THR B 190 21.54 15.60 17.24
N ALA B 191 21.46 15.69 18.56
CA ALA B 191 20.27 15.30 19.31
C ALA B 191 19.03 16.00 18.75
N GLN B 192 18.05 15.22 18.31
CA GLN B 192 16.83 15.76 17.74
C GLN B 192 15.65 14.90 18.12
N ALA B 193 14.50 15.54 18.33
CA ALA B 193 13.28 14.80 18.61
C ALA B 193 12.08 15.53 18.03
N ALA B 194 11.06 14.76 17.68
CA ALA B 194 9.88 15.33 17.07
C ALA B 194 8.92 15.90 18.13
N GLY B 195 8.15 16.89 17.72
CA GLY B 195 7.13 17.45 18.59
C GLY B 195 6.04 16.44 18.89
N THR B 196 5.16 16.87 19.78
CA THR B 196 4.00 16.06 20.13
C THR B 196 3.12 15.85 18.90
N ASP B 197 2.84 14.59 18.62
CA ASP B 197 1.97 14.30 17.48
C ASP B 197 0.52 14.47 17.89
N THR B 198 -0.32 14.74 16.92
CA THR B 198 -1.76 14.85 17.15
C THR B 198 -2.51 14.14 16.05
N THR B 199 -3.79 13.88 16.31
CA THR B 199 -4.62 13.17 15.35
C THR B 199 -5.15 14.14 14.31
N ILE B 200 -5.19 13.69 13.07
CA ILE B 200 -5.60 14.54 11.95
C ILE B 200 -7.12 14.45 11.85
N THR B 201 -7.79 15.39 12.53
CA THR B 201 -9.23 15.30 12.74
C THR B 201 -10.01 15.28 11.43
N VAL B 202 -9.65 16.15 10.47
CA VAL B 202 -10.39 16.17 9.22
C VAL B 202 -10.32 14.82 8.51
N ASN B 203 -9.21 14.12 8.65
CA ASN B 203 -9.08 12.81 8.01
C ASN B 203 -9.95 11.78 8.72
N VAL B 204 -10.04 11.86 10.05
CA VAL B 204 -10.93 10.94 10.77
C VAL B 204 -12.35 11.10 10.27
N LEU B 205 -12.80 12.35 10.15
CA LEU B 205 -14.12 12.62 9.61
C LEU B 205 -14.31 12.01 8.24
N ALA B 206 -13.36 12.28 7.33
CA ALA B 206 -13.40 11.70 5.97
C ALA B 206 -13.60 10.19 6.03
N TRP B 207 -12.86 9.53 6.90
CA TRP B 207 -12.97 8.08 7.06
C TRP B 207 -14.33 7.68 7.64
N LEU B 208 -14.87 8.44 8.59
CA LEU B 208 -16.24 8.16 9.04
C LEU B 208 -17.23 8.23 7.87
N TYR B 209 -17.04 9.18 6.94
CA TYR B 209 -17.89 9.21 5.75
C TYR B 209 -17.70 7.95 4.91
N ALA B 210 -16.45 7.54 4.69
CA ALA B 210 -16.19 6.30 3.96
C ALA B 210 -16.90 5.13 4.62
N ALA B 211 -16.95 5.14 5.96
CA ALA B 211 -17.63 4.08 6.70
C ALA B 211 -19.12 4.07 6.42
N VAL B 212 -19.75 5.25 6.46
CA VAL B 212 -21.16 5.34 6.12
C VAL B 212 -21.40 4.87 4.69
N ILE B 213 -20.56 5.30 3.74
CA ILE B 213 -20.73 4.91 2.35
C ILE B 213 -20.71 3.40 2.23
N ASN B 214 -19.91 2.72 3.03
CA ASN B 214 -19.86 1.26 3.04
C ASN B 214 -20.94 0.64 3.92
N GLY B 215 -21.94 1.40 4.34
CA GLY B 215 -23.05 0.86 5.12
C GLY B 215 -22.85 0.81 6.62
N ASP B 216 -21.69 1.24 7.13
CA ASP B 216 -21.38 1.20 8.56
C ASP B 216 -21.86 2.49 9.22
N ARG B 217 -22.82 2.37 10.14
CA ARG B 217 -23.40 3.59 10.69
C ARG B 217 -23.88 3.50 12.12
N TRP B 218 -23.41 2.54 12.90
CA TRP B 218 -23.78 2.48 14.29
C TRP B 218 -23.38 3.73 15.06
N PHE B 219 -22.41 4.52 14.57
CA PHE B 219 -21.91 5.69 15.31
C PHE B 219 -22.67 6.98 15.02
N LEU B 220 -23.63 6.96 14.10
CA LEU B 220 -24.41 8.16 13.86
C LEU B 220 -25.30 8.44 15.07
N ASN B 221 -25.71 9.70 15.19
CA ASN B 221 -26.53 10.12 16.32
C ASN B 221 -27.37 11.32 15.93
N ARG B 222 -28.28 11.67 16.83
CA ARG B 222 -29.29 12.67 16.55
C ARG B 222 -28.77 14.07 16.75
N PHE B 223 -27.55 14.22 17.26
CA PHE B 223 -27.02 15.51 17.63
C PHE B 223 -26.24 16.15 16.50
N THR B 224 -26.19 17.47 16.57
CA THR B 224 -25.32 18.31 15.79
C THR B 224 -24.44 19.05 16.77
N THR B 225 -23.39 19.71 16.28
CA THR B 225 -22.51 20.43 17.17
C THR B 225 -22.01 21.70 16.49
N THR B 226 -21.43 22.57 17.29
CA THR B 226 -20.76 23.78 16.82
C THR B 226 -19.28 23.51 16.70
N LEU B 227 -18.61 24.24 15.80
CA LEU B 227 -17.17 24.01 15.64
C LEU B 227 -16.43 24.28 16.93
N ASN B 228 -16.84 25.30 17.69
CA ASN B 228 -16.12 25.61 18.92
C ASN B 228 -16.35 24.53 19.99
N ASP B 229 -17.58 24.03 20.11
CA ASP B 229 -17.84 22.94 21.05
C ASP B 229 -17.08 21.68 20.65
N PHE B 230 -17.09 21.36 19.35
CA PHE B 230 -16.34 20.20 18.90
C PHE B 230 -14.86 20.37 19.22
N ASN B 231 -14.31 21.56 18.97
CA ASN B 231 -12.87 21.75 19.15
C ASN B 231 -12.48 21.74 20.63
N LEU B 232 -13.35 22.23 21.52
CA LEU B 232 -13.07 22.11 22.94
C LEU B 232 -12.86 20.65 23.33
N VAL B 233 -13.70 19.76 22.77
CA VAL B 233 -13.56 18.33 23.06
C VAL B 233 -12.31 17.78 22.39
N ALA B 234 -12.11 18.13 21.11
CA ALA B 234 -11.00 17.55 20.36
C ALA B 234 -9.67 17.85 21.03
N MET B 235 -9.47 19.09 21.45
CA MET B 235 -8.21 19.46 22.07
C MET B 235 -7.91 18.60 23.28
N LYS B 236 -8.95 18.11 23.96
CA LYS B 236 -8.74 17.28 25.14
C LYS B 236 -8.24 15.87 24.81
N TYR B 237 -8.27 15.45 23.54
CA TYR B 237 -7.73 14.16 23.15
C TYR B 237 -6.57 14.31 22.19
N ASN B 238 -5.97 15.50 22.12
CA ASN B 238 -4.87 15.78 21.19
C ASN B 238 -5.30 15.53 19.75
N TYR B 239 -6.48 16.02 19.41
CA TYR B 239 -6.95 16.10 18.04
C TYR B 239 -6.74 17.52 17.54
N GLU B 240 -6.29 17.63 16.30
CA GLU B 240 -6.14 18.93 15.66
C GLU B 240 -7.50 19.63 15.65
N PRO B 241 -7.53 20.95 15.85
CA PRO B 241 -8.79 21.66 15.71
C PRO B 241 -9.27 21.59 14.27
N LEU B 242 -10.57 21.76 14.12
CA LEU B 242 -11.23 21.83 12.83
C LEU B 242 -11.49 23.29 12.51
N THR B 243 -11.21 23.67 11.27
CA THR B 243 -11.45 24.99 10.73
C THR B 243 -12.57 24.92 9.70
N GLN B 244 -13.11 26.08 9.32
CA GLN B 244 -14.12 26.08 8.28
C GLN B 244 -13.54 25.66 6.93
N ASP B 245 -12.23 25.79 6.73
CA ASP B 245 -11.60 25.24 5.53
C ASP B 245 -11.76 23.73 5.49
N HIS B 246 -11.49 23.06 6.62
CA HIS B 246 -11.74 21.63 6.71
C HIS B 246 -13.19 21.30 6.39
N VAL B 247 -14.13 22.09 6.92
CA VAL B 247 -15.53 21.83 6.67
C VAL B 247 -15.82 21.87 5.17
N ASP B 248 -15.30 22.89 4.48
CA ASP B 248 -15.53 23.00 3.05
C ASP B 248 -14.97 21.79 2.31
N ILE B 249 -13.73 21.43 2.62
CA ILE B 249 -13.08 20.29 1.97
C ILE B 249 -13.89 19.02 2.14
N LEU B 250 -14.58 18.86 3.26
CA LEU B 250 -15.46 17.71 3.45
C LEU B 250 -16.76 17.84 2.67
N GLY B 251 -17.03 19.00 2.09
CA GLY B 251 -18.30 19.28 1.46
C GLY B 251 -18.81 18.20 0.54
N PRO B 252 -17.95 17.69 -0.33
CA PRO B 252 -18.43 16.67 -1.29
C PRO B 252 -18.90 15.40 -0.63
N LEU B 253 -18.22 14.96 0.42
CA LEU B 253 -18.65 13.78 1.16
C LEU B 253 -19.94 14.07 1.90
N SER B 254 -20.08 15.29 2.41
CA SER B 254 -21.32 15.68 3.07
C SER B 254 -22.50 15.59 2.12
N ALA B 255 -22.30 16.03 0.88
CA ALA B 255 -23.39 15.96 -0.10
C ALA B 255 -23.63 14.52 -0.55
N GLN B 256 -22.55 13.77 -0.77
CA GLN B 256 -22.70 12.41 -1.27
C GLN B 256 -23.48 11.54 -0.28
N THR B 257 -23.47 11.88 1.01
CA THR B 257 -24.13 11.05 2.01
C THR B 257 -25.34 11.69 2.65
N GLY B 258 -25.60 12.98 2.43
CA GLY B 258 -26.68 13.62 3.14
C GLY B 258 -26.44 13.86 4.63
N ILE B 259 -25.19 13.82 5.08
CA ILE B 259 -24.86 14.02 6.49
C ILE B 259 -24.00 15.26 6.58
N ALA B 260 -24.52 16.30 7.24
CA ALA B 260 -23.79 17.56 7.33
C ALA B 260 -22.52 17.38 8.13
N VAL B 261 -21.51 18.20 7.82
CA VAL B 261 -20.21 18.07 8.48
C VAL B 261 -20.36 18.16 9.99
N LEU B 262 -21.11 19.14 10.48
CA LEU B 262 -21.24 19.32 11.93
C LEU B 262 -22.15 18.29 12.55
N ASP B 263 -22.97 17.60 11.76
CA ASP B 263 -23.68 16.40 12.20
C ASP B 263 -22.72 15.24 12.36
N MET B 264 -21.81 15.07 11.40
CA MET B 264 -20.80 14.04 11.55
C MET B 264 -19.81 14.39 12.67
N CYS B 265 -19.50 15.69 12.85
CA CYS B 265 -18.63 16.06 13.96
C CYS B 265 -19.20 15.66 15.31
N ALA B 266 -20.53 15.77 15.45
CA ALA B 266 -21.17 15.30 16.68
C ALA B 266 -20.96 13.81 16.86
N SER B 267 -20.92 13.04 15.76
CA SER B 267 -20.64 11.61 15.89
C SER B 267 -19.24 11.38 16.42
N LEU B 268 -18.26 12.09 15.86
CA LEU B 268 -16.89 11.99 16.38
C LEU B 268 -16.79 12.52 17.80
N LYS B 269 -17.42 13.67 18.07
CA LYS B 269 -17.44 14.18 19.45
C LYS B 269 -17.94 13.12 20.42
N GLU B 270 -19.02 12.40 20.05
CA GLU B 270 -19.55 11.36 20.94
C GLU B 270 -18.57 10.19 21.07
N LEU B 271 -17.96 9.77 19.96
CA LEU B 271 -16.99 8.68 20.01
C LEU B 271 -15.82 9.01 20.92
N LEU B 272 -15.38 10.26 20.92
CA LEU B 272 -14.26 10.63 21.78
C LEU B 272 -14.70 10.71 23.23
N GLN B 273 -15.86 11.35 23.49
CA GLN B 273 -16.36 11.48 24.86
C GLN B 273 -16.69 10.12 25.47
N ASN B 274 -17.38 9.26 24.71
CA ASN B 274 -17.91 8.02 25.26
C ASN B 274 -17.14 6.77 24.85
N GLY B 275 -16.31 6.85 23.82
CA GLY B 275 -15.57 5.68 23.39
C GLY B 275 -16.37 4.80 22.43
N MET B 276 -15.72 3.72 21.98
CA MET B 276 -16.28 2.87 20.93
C MET B 276 -16.98 1.63 21.46
N ASN B 277 -16.69 1.21 22.69
CA ASN B 277 -17.33 0.06 23.34
C ASN B 277 -16.90 -1.28 22.75
N GLY B 278 -15.69 -1.38 22.25
CA GLY B 278 -15.33 -2.60 21.56
C GLY B 278 -16.13 -2.86 20.31
N ARG B 279 -16.71 -1.81 19.73
CA ARG B 279 -17.14 -1.85 18.34
C ARG B 279 -16.02 -1.36 17.42
N THR B 280 -16.11 -1.75 16.15
CA THR B 280 -15.13 -1.34 15.15
C THR B 280 -15.83 -0.61 14.00
N ILE B 281 -15.01 0.08 13.20
CA ILE B 281 -15.44 0.87 12.06
C ILE B 281 -14.51 0.49 10.92
N LEU B 282 -15.07 0.08 9.79
CA LEU B 282 -14.27 -0.39 8.66
C LEU B 282 -13.16 -1.33 9.12
N GLY B 283 -13.48 -2.16 10.10
CA GLY B 283 -12.54 -3.13 10.59
C GLY B 283 -11.49 -2.63 11.56
N SER B 284 -11.55 -1.37 11.99
CA SER B 284 -10.56 -0.84 12.91
C SER B 284 -11.19 -0.63 14.28
N ALA B 285 -10.44 -0.95 15.33
CA ALA B 285 -10.80 -0.62 16.71
C ALA B 285 -10.38 0.79 17.10
N LEU B 286 -9.51 1.44 16.33
CA LEU B 286 -9.09 2.80 16.56
C LEU B 286 -9.57 3.69 15.42
N LEU B 287 -9.63 4.99 15.69
CA LEU B 287 -10.02 5.95 14.66
C LEU B 287 -8.85 6.21 13.73
N GLU B 288 -9.08 6.08 12.42
CA GLU B 288 -8.05 6.18 11.39
C GLU B 288 -7.95 7.62 10.90
N ASP B 289 -6.72 8.13 10.78
CA ASP B 289 -6.52 9.51 10.32
C ASP B 289 -5.53 9.65 9.17
N GLU B 290 -5.28 8.58 8.41
CA GLU B 290 -4.37 8.64 7.27
C GLU B 290 -5.12 8.52 5.94
N PHE B 291 -6.39 8.92 5.92
CA PHE B 291 -7.14 9.12 4.68
C PHE B 291 -7.66 10.55 4.65
N THR B 292 -7.23 11.34 3.67
CA THR B 292 -7.76 12.68 3.51
C THR B 292 -9.16 12.61 2.91
N PRO B 293 -9.90 13.72 2.94
CA PRO B 293 -11.20 13.75 2.23
C PRO B 293 -11.06 13.39 0.76
N PHE B 294 -9.95 13.79 0.15
CA PHE B 294 -9.72 13.50 -1.26
CA PHE B 294 -9.72 13.48 -1.26
C PHE B 294 -9.39 12.02 -1.48
N ASP B 295 -8.67 11.41 -0.55
CA ASP B 295 -8.41 9.98 -0.69
C ASP B 295 -9.72 9.21 -0.69
N VAL B 296 -10.66 9.60 0.19
CA VAL B 296 -11.93 8.88 0.30
C VAL B 296 -12.75 9.07 -0.97
N VAL B 297 -12.76 10.29 -1.50
CA VAL B 297 -13.48 10.53 -2.74
C VAL B 297 -12.87 9.71 -3.87
N ARG B 298 -11.55 9.81 -4.05
CA ARG B 298 -10.85 9.04 -5.07
C ARG B 298 -11.23 7.56 -5.03
N GLN B 299 -11.28 6.98 -3.83
CA GLN B 299 -11.52 5.55 -3.72
C GLN B 299 -13.00 5.20 -3.71
N CYS B 300 -13.87 6.13 -3.31
CA CYS B 300 -15.27 5.81 -3.08
C CYS B 300 -16.21 6.52 -4.05
#